data_6U71
#
_entry.id   6U71
#
_cell.length_a   31.818
_cell.length_b   51.809
_cell.length_c   71.788
_cell.angle_alpha   90.00
_cell.angle_beta   90.00
_cell.angle_gamma   90.00
#
_symmetry.space_group_name_H-M   'P 2 21 21'
#
loop_
_entity.id
_entity.type
_entity.pdbx_description
1 polymer 'Bromodomain-containing protein 2'
2 polymer 'cyclic peptide 3.1_3'
3 water water
#
loop_
_entity_poly.entity_id
_entity_poly.type
_entity_poly.pdbx_seq_one_letter_code
_entity_poly.pdbx_strand_id
1 'polypeptide(L)'
;QGPLGSSEQLKHCNGILKELLSKKHAAYAWPFYKPVDASALGLHDYHDIIKHPMDLSTVKRKMENRDYRDAQEFAADVRL
MFSNCYKYNPPDHDVVAMARKLQDVFEFRYAKMPD
;
A
2 'polypeptide(L)' (ACE)WWIIP(ALY)VK(ALY)GC(NH2) B
#
# COMPACT_ATOMS: atom_id res chain seq x y z
N SER A 6 -15.04 -14.98 -8.09
CA SER A 6 -14.77 -16.11 -7.22
C SER A 6 -13.28 -16.27 -7.02
N SER A 7 -12.78 -17.50 -7.22
CA SER A 7 -11.34 -17.69 -7.29
C SER A 7 -10.72 -16.90 -8.43
N GLU A 8 -11.50 -16.69 -9.50
CA GLU A 8 -11.04 -15.89 -10.62
C GLU A 8 -10.80 -14.45 -10.21
N GLN A 9 -11.68 -13.89 -9.36
CA GLN A 9 -11.48 -12.53 -8.90
C GLN A 9 -10.27 -12.42 -7.98
N LEU A 10 -10.02 -13.45 -7.16
CA LEU A 10 -8.83 -13.44 -6.32
C LEU A 10 -7.55 -13.56 -7.14
N LYS A 11 -7.60 -14.27 -8.28
CA LYS A 11 -6.44 -14.29 -9.17
C LYS A 11 -6.16 -12.91 -9.74
N HIS A 12 -7.21 -12.16 -10.08
CA HIS A 12 -7.02 -10.78 -10.51
C HIS A 12 -6.36 -9.96 -9.42
N CYS A 13 -6.81 -10.13 -8.17
CA CYS A 13 -6.20 -9.42 -7.05
C CYS A 13 -4.73 -9.80 -6.88
N ASN A 14 -4.41 -11.09 -6.99
CA ASN A 14 -3.03 -11.51 -6.85
C ASN A 14 -2.17 -10.92 -7.96
N GLY A 15 -2.71 -10.81 -9.17
CA GLY A 15 -1.98 -10.18 -10.25
C GLY A 15 -1.65 -8.73 -9.96
N ILE A 16 -2.65 -7.99 -9.44
CA ILE A 16 -2.40 -6.60 -9.04
C ILE A 16 -1.32 -6.54 -7.99
N LEU A 17 -1.40 -7.41 -6.98
CA LEU A 17 -0.40 -7.43 -5.91
C LEU A 17 1.00 -7.65 -6.47
N LYS A 18 1.13 -8.64 -7.35
CA LYS A 18 2.44 -8.88 -7.98
C LYS A 18 2.91 -7.66 -8.76
N GLU A 19 2.00 -6.99 -9.46
CA GLU A 19 2.39 -5.78 -10.19
C GLU A 19 2.86 -4.68 -9.24
N LEU A 20 2.13 -4.46 -8.14
CA LEU A 20 2.53 -3.43 -7.19
C LEU A 20 3.91 -3.69 -6.61
N LEU A 21 4.30 -4.96 -6.51
CA LEU A 21 5.60 -5.36 -5.97
C LEU A 21 6.69 -5.48 -7.04
N SER A 22 6.37 -5.21 -8.30
CA SER A 22 7.31 -5.45 -9.39
C SER A 22 8.25 -4.27 -9.58
N LYS A 23 9.35 -4.53 -10.29
CA LYS A 23 10.36 -3.50 -10.52
C LYS A 23 9.79 -2.31 -11.28
N LYS A 24 8.77 -2.53 -12.11
CA LYS A 24 8.17 -1.46 -12.89
C LYS A 24 7.71 -0.29 -12.02
N HIS A 25 7.24 -0.57 -10.81
CA HIS A 25 6.69 0.46 -9.93
C HIS A 25 7.53 0.71 -8.70
N ALA A 26 8.75 0.15 -8.64
CA ALA A 26 9.54 0.18 -7.42
C ALA A 26 9.91 1.60 -6.99
N ALA A 27 10.00 2.53 -7.94
CA ALA A 27 10.46 3.88 -7.61
C ALA A 27 9.49 4.60 -6.67
N TYR A 28 8.20 4.27 -6.74
CA TYR A 28 7.22 4.86 -5.83
C TYR A 28 6.55 3.85 -4.90
N ALA A 29 6.78 2.56 -5.10
CA ALA A 29 6.17 1.54 -4.25
C ALA A 29 7.01 1.20 -3.02
N TRP A 30 8.32 1.46 -3.05
CA TRP A 30 9.17 1.00 -1.96
C TRP A 30 8.78 1.47 -0.56
N PRO A 31 8.21 2.66 -0.35
CA PRO A 31 7.80 3.03 1.03
C PRO A 31 6.72 2.14 1.59
N PHE A 32 6.08 1.31 0.76
CA PHE A 32 4.94 0.51 1.17
C PHE A 32 5.26 -0.98 1.21
N TYR A 33 6.53 -1.35 0.98
CA TYR A 33 6.90 -2.75 0.94
C TYR A 33 6.80 -3.42 2.30
N LYS A 34 7.07 -2.69 3.37
CA LYS A 34 7.15 -3.23 4.72
C LYS A 34 6.41 -2.29 5.66
N PRO A 35 6.05 -2.75 6.86
CA PRO A 35 5.40 -1.86 7.83
C PRO A 35 6.26 -0.63 8.11
N VAL A 36 5.59 0.50 8.29
CA VAL A 36 6.29 1.72 8.66
C VAL A 36 7.07 1.48 9.94
N ASP A 37 8.38 1.69 9.89
CA ASP A 37 9.24 1.56 11.07
C ASP A 37 9.28 2.92 11.74
N ALA A 38 8.29 3.15 12.62
CA ALA A 38 8.15 4.46 13.24
C ALA A 38 9.38 4.85 14.05
N SER A 39 9.93 3.90 14.81
CA SER A 39 11.08 4.21 15.65
C SER A 39 12.29 4.59 14.80
N ALA A 40 12.55 3.82 13.74
CA ALA A 40 13.71 4.07 12.90
C ALA A 40 13.62 5.40 12.17
N LEU A 41 12.42 5.82 11.80
CA LEU A 41 12.22 7.06 11.07
C LEU A 41 11.95 8.25 11.98
N GLY A 42 11.93 8.04 13.30
CA GLY A 42 11.68 9.13 14.23
C GLY A 42 10.25 9.61 14.26
N LEU A 43 9.30 8.79 13.80
CA LEU A 43 7.89 9.16 13.74
CA LEU A 43 7.89 9.16 13.74
C LEU A 43 7.17 8.64 14.99
N HIS A 44 7.47 9.29 16.12
CA HIS A 44 7.00 8.80 17.41
C HIS A 44 5.52 9.02 17.65
N ASP A 45 4.82 9.70 16.75
CA ASP A 45 3.37 9.86 16.83
C ASP A 45 2.63 8.97 15.85
N TYR A 46 3.35 8.14 15.09
CA TYR A 46 2.71 7.40 14.00
C TYR A 46 1.61 6.48 14.52
N HIS A 47 1.89 5.71 15.56
CA HIS A 47 0.92 4.73 16.05
C HIS A 47 -0.16 5.35 16.93
N ASP A 48 -0.04 6.63 17.26
CA ASP A 48 -1.16 7.35 17.88
C ASP A 48 -2.13 7.88 16.84
N ILE A 49 -1.65 8.12 15.63
CA ILE A 49 -2.48 8.64 14.55
C ILE A 49 -3.00 7.51 13.69
N ILE A 50 -2.19 6.48 13.45
CA ILE A 50 -2.54 5.35 12.60
C ILE A 50 -2.81 4.17 13.52
N LYS A 51 -4.09 3.81 13.66
CA LYS A 51 -4.48 2.72 14.55
C LYS A 51 -4.55 1.37 13.85
N HIS A 52 -4.57 1.34 12.52
CA HIS A 52 -4.64 0.09 11.75
C HIS A 52 -3.58 0.14 10.66
N PRO A 53 -2.32 -0.10 11.02
CA PRO A 53 -1.25 -0.07 10.00
C PRO A 53 -1.45 -1.16 8.95
N MET A 54 -0.99 -0.88 7.74
CA MET A 54 -1.09 -1.84 6.66
C MET A 54 0.02 -1.56 5.66
N ASP A 55 0.50 -2.61 5.01
CA ASP A 55 1.59 -2.50 4.05
C ASP A 55 1.52 -3.69 3.11
N LEU A 56 2.32 -3.64 2.05
CA LEU A 56 2.22 -4.66 1.00
C LEU A 56 2.73 -6.03 1.47
N SER A 57 3.68 -6.07 2.39
CA SER A 57 4.12 -7.37 2.90
C SER A 57 3.02 -8.06 3.68
N THR A 58 2.19 -7.29 4.40
CA THR A 58 1.08 -7.88 5.12
C THR A 58 -0.01 -8.35 4.16
N VAL A 59 -0.30 -7.56 3.12
CA VAL A 59 -1.25 -7.99 2.10
C VAL A 59 -0.75 -9.27 1.43
N LYS A 60 0.55 -9.34 1.16
CA LYS A 60 1.10 -10.53 0.52
C LYS A 60 1.02 -11.75 1.43
N ARG A 61 1.32 -11.58 2.72
CA ARG A 61 1.17 -12.68 3.67
C ARG A 61 -0.27 -13.17 3.72
N LYS A 62 -1.23 -12.25 3.76
CA LYS A 62 -2.63 -12.65 3.78
C LYS A 62 -3.02 -13.38 2.51
N MET A 63 -2.53 -12.91 1.36
CA MET A 63 -2.84 -13.59 0.10
C MET A 63 -2.25 -14.99 0.08
N GLU A 64 -1.00 -15.14 0.52
CA GLU A 64 -0.36 -16.44 0.52
C GLU A 64 -1.03 -17.42 1.46
N ASN A 65 -1.60 -16.92 2.55
CA ASN A 65 -2.31 -17.75 3.52
C ASN A 65 -3.78 -17.94 3.19
N ARG A 66 -4.22 -17.49 2.00
CA ARG A 66 -5.62 -17.58 1.59
C ARG A 66 -6.56 -16.91 2.59
N ASP A 67 -6.13 -15.77 3.11
CA ASP A 67 -6.91 -15.04 4.10
C ASP A 67 -8.09 -14.31 3.45
N TYR A 68 -7.88 -13.72 2.28
CA TYR A 68 -8.94 -12.97 1.60
C TYR A 68 -9.94 -13.93 0.98
N ARG A 69 -11.22 -13.71 1.27
CA ARG A 69 -12.29 -14.52 0.70
C ARG A 69 -12.93 -13.90 -0.53
N ASP A 70 -12.75 -12.60 -0.74
CA ASP A 70 -13.28 -11.94 -1.92
C ASP A 70 -12.41 -10.75 -2.27
N ALA A 71 -12.62 -10.22 -3.47
CA ALA A 71 -11.82 -9.10 -3.96
C ALA A 71 -12.02 -7.85 -3.10
N GLN A 72 -13.24 -7.62 -2.63
CA GLN A 72 -13.52 -6.42 -1.84
C GLN A 72 -12.67 -6.36 -0.57
N GLU A 73 -12.41 -7.51 0.04
CA GLU A 73 -11.60 -7.53 1.25
C GLU A 73 -10.15 -7.17 0.94
N PHE A 74 -9.61 -7.70 -0.15
CA PHE A 74 -8.28 -7.33 -0.60
C PHE A 74 -8.19 -5.84 -0.88
N ALA A 75 -9.18 -5.30 -1.60
CA ALA A 75 -9.14 -3.88 -1.95
C ALA A 75 -9.20 -3.00 -0.71
N ALA A 76 -9.98 -3.41 0.29
CA ALA A 76 -10.08 -2.63 1.51
C ALA A 76 -8.74 -2.51 2.22
N ASP A 77 -7.93 -3.59 2.22
CA ASP A 77 -6.63 -3.55 2.85
C ASP A 77 -5.66 -2.65 2.07
N VAL A 78 -5.63 -2.80 0.74
CA VAL A 78 -4.75 -1.96 -0.07
C VAL A 78 -5.11 -0.49 0.11
N ARG A 79 -6.41 -0.18 0.08
CA ARG A 79 -6.84 1.21 0.24
C ARG A 79 -6.58 1.73 1.65
N LEU A 80 -6.67 0.85 2.66
N LEU A 80 -6.67 0.85 2.66
CA LEU A 80 -6.31 1.26 4.01
CA LEU A 80 -6.31 1.26 4.01
C LEU A 80 -4.86 1.70 4.08
C LEU A 80 -4.86 1.70 4.08
N MET A 81 -3.97 1.00 3.37
CA MET A 81 -2.57 1.38 3.35
C MET A 81 -2.40 2.80 2.81
N PHE A 82 -3.07 3.12 1.71
CA PHE A 82 -2.99 4.48 1.17
C PHE A 82 -3.64 5.49 2.12
N SER A 83 -4.77 5.12 2.71
CA SER A 83 -5.46 6.02 3.64
CA SER A 83 -5.46 6.02 3.64
C SER A 83 -4.56 6.39 4.80
N ASN A 84 -3.83 5.42 5.36
CA ASN A 84 -2.91 5.73 6.45
C ASN A 84 -1.89 6.77 6.02
N CYS A 85 -1.36 6.63 4.80
CA CYS A 85 -0.39 7.58 4.30
C CYS A 85 -0.99 8.99 4.18
N TYR A 86 -2.21 9.09 3.66
CA TYR A 86 -2.87 10.38 3.51
C TYR A 86 -3.22 11.00 4.87
N LYS A 87 -3.48 10.17 5.87
CA LYS A 87 -3.83 10.71 7.19
C LYS A 87 -2.60 11.25 7.90
N TYR A 88 -1.48 10.53 7.82
CA TYR A 88 -0.31 10.90 8.62
C TYR A 88 0.52 12.00 7.97
N ASN A 89 0.62 12.01 6.63
CA ASN A 89 1.62 12.82 5.96
C ASN A 89 0.98 14.02 5.27
N PRO A 90 1.56 15.21 5.45
CA PRO A 90 1.09 16.36 4.69
C PRO A 90 1.25 16.12 3.21
N PRO A 91 0.34 16.67 2.39
CA PRO A 91 0.30 16.29 0.96
C PRO A 91 1.51 16.74 0.16
N ASP A 92 2.30 17.68 0.67
CA ASP A 92 3.49 18.15 -0.05
C ASP A 92 4.72 17.29 0.19
N HIS A 93 4.62 16.24 1.02
CA HIS A 93 5.74 15.35 1.24
C HIS A 93 5.80 14.29 0.15
N ASP A 94 7.04 13.87 -0.17
CA ASP A 94 7.25 12.95 -1.28
C ASP A 94 6.45 11.67 -1.13
N VAL A 95 6.29 11.17 0.10
CA VAL A 95 5.60 9.90 0.30
C VAL A 95 4.16 9.96 -0.20
N VAL A 96 3.53 11.14 -0.11
CA VAL A 96 2.15 11.26 -0.57
C VAL A 96 2.08 11.22 -2.09
N ALA A 97 3.01 11.90 -2.76
CA ALA A 97 3.07 11.81 -4.22
C ALA A 97 3.30 10.37 -4.66
N MET A 98 4.15 9.64 -3.93
CA MET A 98 4.40 8.24 -4.26
C MET A 98 3.15 7.39 -4.03
N ALA A 99 2.45 7.62 -2.91
CA ALA A 99 1.22 6.89 -2.65
C ALA A 99 0.16 7.14 -3.73
N ARG A 100 -0.01 8.40 -4.13
CA ARG A 100 -1.02 8.72 -5.14
C ARG A 100 -0.72 8.03 -6.46
N LYS A 101 0.56 7.93 -6.84
CA LYS A 101 0.93 7.26 -8.08
C LYS A 101 0.70 5.76 -7.97
N LEU A 102 1.06 5.15 -6.83
CA LEU A 102 0.82 3.73 -6.68
C LEU A 102 -0.67 3.42 -6.60
N GLN A 103 -1.45 4.30 -5.97
CA GLN A 103 -2.90 4.08 -5.95
C GLN A 103 -3.51 4.21 -7.33
N ASP A 104 -2.95 5.09 -8.18
CA ASP A 104 -3.37 5.15 -9.57
C ASP A 104 -3.21 3.79 -10.23
N VAL A 105 -2.04 3.16 -10.06
CA VAL A 105 -1.81 1.83 -10.61
C VAL A 105 -2.86 0.86 -10.10
N PHE A 106 -3.08 0.85 -8.78
CA PHE A 106 -4.03 -0.08 -8.19
C PHE A 106 -5.45 0.14 -8.70
N GLU A 107 -5.93 1.39 -8.63
CA GLU A 107 -7.34 1.64 -8.93
C GLU A 107 -7.65 1.37 -10.39
N PHE A 108 -6.76 1.74 -11.31
CA PHE A 108 -7.06 1.54 -12.71
C PHE A 108 -7.09 0.07 -13.08
N ARG A 109 -6.25 -0.76 -12.45
CA ARG A 109 -6.30 -2.19 -12.75
C ARG A 109 -7.38 -2.91 -11.96
N TYR A 110 -7.58 -2.55 -10.69
CA TYR A 110 -8.66 -3.16 -9.92
C TYR A 110 -10.00 -2.96 -10.61
N ALA A 111 -10.19 -1.80 -11.26
N ALA A 111 -10.19 -1.80 -11.26
CA ALA A 111 -11.44 -1.51 -11.96
CA ALA A 111 -11.42 -1.52 -11.96
C ALA A 111 -11.72 -2.49 -13.10
C ALA A 111 -11.71 -2.51 -13.08
N LYS A 112 -10.68 -3.15 -13.63
CA LYS A 112 -10.83 -4.14 -14.69
C LYS A 112 -11.14 -5.53 -14.15
N MET A 113 -11.85 -5.61 -13.02
CA MET A 113 -12.15 -6.88 -12.38
C MET A 113 -12.97 -7.75 -13.33
N PRO A 114 -12.63 -9.03 -13.48
CA PRO A 114 -13.45 -9.92 -14.32
C PRO A 114 -14.83 -10.08 -13.73
N ASP A 115 -15.85 -9.87 -14.56
CA ASP A 115 -17.24 -9.97 -14.14
C ASP A 115 -17.80 -11.34 -14.44
N TRP B 2 15.38 5.27 -0.53
CA TRP B 2 15.66 5.66 0.85
C TRP B 2 15.20 7.10 1.03
N TRP B 3 15.14 7.55 2.29
CA TRP B 3 14.71 8.91 2.62
C TRP B 3 15.94 9.76 2.94
N ILE B 4 16.05 10.90 2.25
CA ILE B 4 16.96 11.94 2.74
C ILE B 4 16.40 12.56 4.01
N ILE B 5 15.10 12.84 4.02
CA ILE B 5 14.39 13.24 5.23
C ILE B 5 13.18 12.31 5.29
N PRO B 6 12.99 11.53 6.37
CA PRO B 6 11.91 10.55 6.45
C PRO B 6 10.55 11.09 6.02
N VAL B 8 9.44 12.99 3.95
CA VAL B 8 9.46 14.29 3.28
C VAL B 8 10.15 14.28 1.92
N LYS B 9 11.37 13.78 1.88
CA LYS B 9 12.15 13.80 0.65
C LYS B 9 12.86 12.47 0.38
N GLY B 11 15.44 9.96 -1.69
CA GLY B 11 16.80 10.09 -2.18
C GLY B 11 17.15 9.14 -3.32
N CYS B 12 16.42 8.04 -3.41
CA CYS B 12 16.67 7.05 -4.45
C CYS B 12 15.77 7.28 -5.65
#